data_7WJ6
#
_entry.id   7WJ6
#
_cell.length_a   96.199
_cell.length_b   96.199
_cell.length_c   115.453
_cell.angle_alpha   90.000
_cell.angle_beta   90.000
_cell.angle_gamma   120.000
#
_symmetry.space_group_name_H-M   'P 31 2 1'
#
loop_
_entity.id
_entity.type
_entity.pdbx_description
1 polymer 'Serine/threonine protein kinase'
2 non-polymer 'MAGNESIUM ION'
3 water water
#
_entity_poly.entity_id   1
_entity_poly.type   'polypeptide(L)'
_entity_poly.pdbx_seq_one_letter_code
;GPTTAGLPYRIEAALHFSNGGGVYAGIDTRTGAQVVLKEARPHAGLAADGADAVTRLRHERDMLQRLAGIDGVPAVLDHF
TLGEHHFLVLERIEGRALNTFFAERHPLLDPEPDPGKIADYTAWALRVHAGVERLIDAIHARGIVYNDLHMFNIMVRPDE
TVALIDFEAAAPLAERSRQTLANPAFQAPPGRYGADVDRYSLACLRLALFLPLTTLLVQDRHKAWELAEAIAEHFPVPRG
FLREAAREITRDLPPRPASAAPRFTPDEPGWLQA
;
_entity_poly.pdbx_strand_id   A,B
#
loop_
_chem_comp.id
_chem_comp.type
_chem_comp.name
_chem_comp.formula
MG non-polymer 'MAGNESIUM ION' 'Mg 2'
#
# COMPACT_ATOMS: atom_id res chain seq x y z
N LEU A 7 -20.77 18.16 0.06
CA LEU A 7 -20.57 16.73 -0.02
C LEU A 7 -21.49 15.97 0.93
N PRO A 8 -22.17 14.95 0.41
CA PRO A 8 -22.98 14.08 1.28
C PRO A 8 -22.16 13.11 2.12
N TYR A 9 -20.83 13.14 2.02
CA TYR A 9 -19.96 12.21 2.71
C TYR A 9 -19.07 12.95 3.70
N ARG A 10 -18.78 12.30 4.82
CA ARG A 10 -17.84 12.81 5.80
C ARG A 10 -16.69 11.81 5.93
N ILE A 11 -15.47 12.29 5.74
CA ILE A 11 -14.29 11.43 5.78
C ILE A 11 -13.87 11.26 7.23
N GLU A 12 -13.64 10.01 7.64
CA GLU A 12 -13.29 9.70 9.02
C GLU A 12 -11.88 9.15 9.18
N ALA A 13 -11.27 8.64 8.12
CA ALA A 13 -9.93 8.09 8.20
C ALA A 13 -9.25 8.14 6.85
N ALA A 14 -7.93 8.27 6.87
CA ALA A 14 -7.10 8.22 5.68
C ALA A 14 -6.41 6.86 5.64
N LEU A 15 -6.68 6.09 4.59
CA LEU A 15 -6.22 4.70 4.57
C LEU A 15 -4.85 4.55 3.88
N HIS A 16 -4.74 4.96 2.62
CA HIS A 16 -3.45 4.92 1.95
C HIS A 16 -3.45 5.85 0.75
N PHE A 17 -2.24 6.12 0.25
CA PHE A 17 -2.01 7.00 -0.89
C PHE A 17 -0.89 6.40 -1.72
N SER A 18 -1.12 6.27 -3.02
CA SER A 18 -0.13 5.68 -3.92
C SER A 18 -0.47 6.04 -5.35
N ASN A 19 0.55 6.37 -6.13
CA ASN A 19 0.41 6.68 -7.55
C ASN A 19 -0.62 7.78 -7.75
N GLY A 20 -0.52 8.83 -6.94
CA GLY A 20 -1.42 9.97 -7.03
C GLY A 20 -2.86 9.70 -6.66
N GLY A 21 -3.15 8.56 -6.04
CA GLY A 21 -4.50 8.21 -5.66
C GLY A 21 -4.64 7.88 -4.19
N GLY A 22 -5.60 8.52 -3.52
CA GLY A 22 -5.82 8.31 -2.10
C GLY A 22 -7.05 7.47 -1.85
N VAL A 23 -7.04 6.76 -0.72
CA VAL A 23 -8.15 5.92 -0.30
C VAL A 23 -8.56 6.34 1.10
N TYR A 24 -9.85 6.58 1.29
CA TYR A 24 -10.36 7.11 2.54
C TYR A 24 -11.60 6.33 2.95
N ALA A 25 -11.78 6.19 4.26
CA ALA A 25 -12.97 5.59 4.83
C ALA A 25 -13.90 6.72 5.26
N GLY A 26 -15.18 6.59 4.90
CA GLY A 26 -16.11 7.65 5.22
C GLY A 26 -17.49 7.14 5.57
N ILE A 27 -18.43 8.07 5.68
CA ILE A 27 -19.81 7.76 6.02
C ILE A 27 -20.71 8.62 5.15
N ASP A 28 -21.70 8.00 4.51
CA ASP A 28 -22.77 8.75 3.87
C ASP A 28 -23.63 9.38 4.96
N THR A 29 -23.60 10.72 5.04
CA THR A 29 -24.35 11.40 6.08
C THR A 29 -25.85 11.24 5.92
N ARG A 30 -26.33 10.94 4.70
CA ARG A 30 -27.75 10.77 4.48
C ARG A 30 -28.25 9.45 5.05
N THR A 31 -27.40 8.43 5.13
CA THR A 31 -27.83 7.10 5.55
C THR A 31 -26.96 6.46 6.63
N GLY A 32 -25.84 7.07 7.00
CA GLY A 32 -24.95 6.44 7.97
C GLY A 32 -24.19 5.23 7.45
N ALA A 33 -24.32 4.90 6.17
CA ALA A 33 -23.65 3.73 5.62
C ALA A 33 -22.14 3.94 5.55
N GLN A 34 -21.39 2.88 5.83
CA GLN A 34 -19.94 2.92 5.73
C GLN A 34 -19.54 2.84 4.26
N VAL A 35 -18.66 3.75 3.83
CA VAL A 35 -18.23 3.80 2.44
C VAL A 35 -16.71 3.90 2.38
N VAL A 36 -16.19 3.63 1.19
CA VAL A 36 -14.78 3.86 0.86
C VAL A 36 -14.74 4.91 -0.23
N LEU A 37 -13.88 5.92 -0.06
CA LEU A 37 -13.75 7.00 -1.04
C LEU A 37 -12.35 6.95 -1.64
N LYS A 38 -12.29 6.82 -2.96
CA LYS A 38 -11.05 6.85 -3.71
C LYS A 38 -11.01 8.13 -4.53
N GLU A 39 -9.86 8.80 -4.51
CA GLU A 39 -9.74 10.13 -5.06
C GLU A 39 -8.58 10.21 -6.03
N ALA A 40 -8.76 11.02 -7.07
CA ALA A 40 -7.74 11.16 -8.11
C ALA A 40 -7.85 12.53 -8.75
N ARG A 41 -6.71 13.13 -9.03
CA ARG A 41 -6.60 14.40 -9.73
C ARG A 41 -5.84 14.20 -11.02
N PRO A 42 -6.22 14.86 -12.11
CA PRO A 42 -5.56 14.61 -13.39
C PRO A 42 -4.09 15.01 -13.32
N HIS A 43 -3.29 14.35 -14.17
CA HIS A 43 -1.84 14.49 -14.30
C HIS A 43 -1.11 13.91 -13.10
N ALA A 44 -1.81 13.36 -12.11
CA ALA A 44 -1.16 12.82 -10.93
C ALA A 44 -0.93 11.33 -11.11
N GLY A 45 0.18 10.82 -10.59
CA GLY A 45 0.44 9.41 -10.68
C GLY A 45 0.87 8.93 -12.04
N LEU A 46 1.16 9.86 -12.97
CA LEU A 46 1.53 9.58 -14.35
C LEU A 46 2.57 8.46 -14.47
N ALA A 47 2.12 7.29 -14.91
CA ALA A 47 3.01 6.14 -15.08
C ALA A 47 3.68 6.18 -16.45
N ALA A 48 4.54 5.19 -16.70
CA ALA A 48 5.29 5.16 -17.95
C ALA A 48 4.43 4.79 -19.14
N ASP A 49 3.27 4.18 -18.92
CA ASP A 49 2.31 3.93 -19.99
C ASP A 49 1.36 5.09 -20.23
N GLY A 50 1.51 6.19 -19.51
CA GLY A 50 0.64 7.34 -19.69
C GLY A 50 -0.62 7.33 -18.85
N ALA A 51 -0.90 6.22 -18.15
CA ALA A 51 -2.01 6.17 -17.22
C ALA A 51 -1.72 7.00 -15.98
N ASP A 52 -2.53 8.04 -15.75
CA ASP A 52 -2.47 8.81 -14.51
C ASP A 52 -3.45 8.22 -13.51
N ALA A 53 -3.62 8.88 -12.36
CA ALA A 53 -4.49 8.34 -11.31
C ALA A 53 -5.95 8.34 -11.74
N VAL A 54 -6.37 9.34 -12.52
CA VAL A 54 -7.74 9.39 -13.00
C VAL A 54 -8.00 8.23 -13.96
N THR A 55 -7.00 7.88 -14.76
CA THR A 55 -7.14 6.76 -15.68
C THR A 55 -7.34 5.45 -14.92
N ARG A 56 -6.52 5.20 -13.90
CA ARG A 56 -6.67 3.97 -13.13
C ARG A 56 -7.99 3.94 -12.38
N LEU A 57 -8.46 5.09 -11.91
CA LEU A 57 -9.73 5.15 -11.20
C LEU A 57 -10.88 4.82 -12.16
N ARG A 58 -10.83 5.35 -13.38
CA ARG A 58 -11.86 5.05 -14.36
C ARG A 58 -11.85 3.57 -14.75
N HIS A 59 -10.66 2.99 -14.90
CA HIS A 59 -10.59 1.57 -15.24
C HIS A 59 -11.13 0.71 -14.09
N GLU A 60 -10.82 1.08 -12.84
CA GLU A 60 -11.34 0.32 -11.71
C GLU A 60 -12.86 0.39 -11.64
N ARG A 61 -13.42 1.58 -11.88
CA ARG A 61 -14.88 1.72 -11.89
C ARG A 61 -15.50 0.88 -12.99
N ASP A 62 -14.86 0.83 -14.15
CA ASP A 62 -15.37 0.01 -15.26
C ASP A 62 -15.41 -1.46 -14.85
N MET A 63 -14.33 -1.97 -14.26
CA MET A 63 -14.31 -3.36 -13.84
C MET A 63 -15.35 -3.65 -12.77
N LEU A 64 -15.49 -2.75 -11.80
CA LEU A 64 -16.49 -2.96 -10.75
C LEU A 64 -17.90 -2.89 -11.29
N GLN A 65 -18.13 -2.10 -12.35
CA GLN A 65 -19.47 -2.01 -12.91
C GLN A 65 -19.78 -3.19 -13.81
N ARG A 66 -18.76 -3.78 -14.47
CA ARG A 66 -18.99 -5.01 -15.22
C ARG A 66 -19.31 -6.18 -14.31
N LEU A 67 -18.81 -6.16 -13.08
CA LEU A 67 -18.98 -7.24 -12.13
C LEU A 67 -20.09 -6.99 -11.13
N ALA A 68 -20.95 -5.98 -11.37
CA ALA A 68 -21.96 -5.62 -10.40
C ALA A 68 -22.94 -6.77 -10.15
N GLY A 69 -23.39 -6.88 -8.91
CA GLY A 69 -24.30 -7.92 -8.50
C GLY A 69 -23.61 -9.19 -8.01
N ILE A 70 -22.34 -9.37 -8.31
CA ILE A 70 -21.60 -10.53 -7.83
C ILE A 70 -21.26 -10.31 -6.36
N ASP A 71 -21.65 -11.26 -5.52
CA ASP A 71 -21.35 -11.15 -4.09
C ASP A 71 -19.88 -11.45 -3.85
N GLY A 72 -19.19 -10.52 -3.19
CA GLY A 72 -17.75 -10.56 -3.06
C GLY A 72 -17.05 -9.51 -3.89
N VAL A 73 -17.78 -8.78 -4.73
CA VAL A 73 -17.25 -7.65 -5.49
C VAL A 73 -17.88 -6.39 -4.94
N PRO A 74 -17.09 -5.42 -4.47
CA PRO A 74 -17.69 -4.21 -3.90
C PRO A 74 -18.50 -3.45 -4.92
N ALA A 75 -19.67 -2.98 -4.51
CA ALA A 75 -20.56 -2.24 -5.38
C ALA A 75 -20.08 -0.80 -5.53
N VAL A 76 -20.39 -0.22 -6.68
CA VAL A 76 -20.11 1.19 -6.94
C VAL A 76 -21.29 1.99 -6.40
N LEU A 77 -21.06 2.77 -5.35
CA LEU A 77 -22.14 3.51 -4.71
C LEU A 77 -22.37 4.86 -5.38
N ASP A 78 -21.31 5.50 -5.84
CA ASP A 78 -21.40 6.83 -6.40
C ASP A 78 -20.05 7.16 -7.04
N HIS A 79 -20.08 8.11 -7.96
CA HIS A 79 -18.85 8.69 -8.49
C HIS A 79 -19.21 10.05 -9.08
N PHE A 80 -18.35 11.03 -8.82
CA PHE A 80 -18.62 12.40 -9.19
C PHE A 80 -17.30 13.13 -9.34
N THR A 81 -17.37 14.31 -9.92
CA THR A 81 -16.19 15.14 -10.12
C THR A 81 -16.47 16.54 -9.58
N LEU A 82 -15.56 17.04 -8.74
CA LEU A 82 -15.60 18.42 -8.24
C LEU A 82 -14.50 19.19 -8.98
N GLY A 83 -14.90 19.97 -9.98
CA GLY A 83 -13.94 20.55 -10.89
C GLY A 83 -13.31 19.45 -11.71
N GLU A 84 -11.99 19.25 -11.54
CA GLU A 84 -11.31 18.12 -12.16
C GLU A 84 -10.97 17.03 -11.14
N HIS A 85 -11.52 17.13 -9.93
CA HIS A 85 -11.25 16.16 -8.87
C HIS A 85 -12.24 15.01 -8.98
N HIS A 86 -11.73 13.82 -9.33
CA HIS A 86 -12.58 12.65 -9.50
C HIS A 86 -12.69 11.88 -8.18
N PHE A 87 -13.91 11.49 -7.83
CA PHE A 87 -14.18 10.70 -6.64
C PHE A 87 -14.91 9.42 -7.00
N LEU A 88 -14.56 8.33 -6.33
CA LEU A 88 -15.21 7.04 -6.50
C LEU A 88 -15.65 6.54 -5.14
N VAL A 89 -16.95 6.28 -4.98
CA VAL A 89 -17.53 5.84 -3.72
C VAL A 89 -17.89 4.36 -3.82
N LEU A 90 -17.27 3.54 -2.98
CA LEU A 90 -17.51 2.12 -2.98
C LEU A 90 -18.08 1.69 -1.64
N GLU A 91 -18.71 0.52 -1.62
CA GLU A 91 -19.18 -0.03 -0.37
C GLU A 91 -18.00 -0.56 0.44
N ARG A 92 -18.09 -0.41 1.76
CA ARG A 92 -17.05 -0.89 2.66
C ARG A 92 -17.28 -2.37 2.93
N ILE A 93 -16.28 -3.18 2.61
CA ILE A 93 -16.35 -4.61 2.90
C ILE A 93 -15.92 -4.82 4.34
N GLU A 94 -16.81 -5.40 5.15
CA GLU A 94 -16.42 -5.69 6.52
C GLU A 94 -15.58 -6.96 6.57
N GLY A 95 -14.83 -7.09 7.65
CA GLY A 95 -14.00 -8.27 7.84
C GLY A 95 -12.54 -7.92 7.93
N ARG A 96 -11.69 -8.94 7.78
CA ARG A 96 -10.24 -8.79 7.88
C ARG A 96 -9.59 -9.29 6.61
N ALA A 97 -8.49 -8.64 6.25
CA ALA A 97 -7.70 -9.11 5.12
C ALA A 97 -6.98 -10.40 5.48
N LEU A 98 -6.88 -11.31 4.50
CA LEU A 98 -6.33 -12.64 4.75
C LEU A 98 -4.89 -12.59 5.22
N ASN A 99 -4.13 -11.57 4.79
CA ASN A 99 -2.73 -11.46 5.19
C ASN A 99 -2.57 -11.17 6.68
N THR A 100 -3.59 -10.61 7.34
CA THR A 100 -3.50 -10.31 8.76
C THR A 100 -3.66 -11.53 9.64
N PHE A 101 -4.09 -12.67 9.09
CA PHE A 101 -4.17 -13.89 9.87
C PHE A 101 -2.82 -14.59 10.02
N PHE A 102 -1.85 -14.27 9.17
CA PHE A 102 -0.55 -14.96 9.22
C PHE A 102 0.27 -14.57 10.43
N ALA A 103 -0.15 -13.56 11.20
CA ALA A 103 0.56 -13.13 12.39
C ALA A 103 0.03 -13.76 13.67
N GLU A 104 -1.14 -14.40 13.63
CA GLU A 104 -1.77 -14.92 14.84
C GLU A 104 -2.32 -16.32 14.62
N ARG A 105 -3.21 -16.49 13.63
CA ARG A 105 -3.74 -17.81 13.26
C ARG A 105 -2.74 -18.55 12.38
N HIS A 106 -1.53 -18.67 12.89
CA HIS A 106 -0.44 -19.30 12.17
C HIS A 106 0.70 -19.69 13.12
N PRO A 107 1.45 -18.75 13.78
CA PRO A 107 2.63 -19.15 14.55
C PRO A 107 2.27 -20.06 15.71
N LEU A 108 1.06 -19.90 16.26
CA LEU A 108 0.69 -20.71 17.45
C LEU A 108 0.68 -22.17 17.03
N LEU A 109 0.50 -22.45 15.74
CA LEU A 109 0.50 -23.84 15.23
C LEU A 109 1.94 -24.25 14.94
N ASP A 110 2.84 -24.09 15.92
CA ASP A 110 4.28 -24.45 15.77
C ASP A 110 4.41 -25.87 15.21
N GLU A 112 4.91 -28.42 18.93
CA GLU A 112 3.89 -29.36 19.46
C GLU A 112 2.54 -28.65 19.46
N PRO A 113 1.78 -28.64 18.33
CA PRO A 113 0.54 -27.88 18.26
C PRO A 113 -0.72 -28.65 18.67
N ASP A 114 -1.77 -27.92 19.07
CA ASP A 114 -3.03 -28.58 19.47
C ASP A 114 -3.62 -29.25 18.23
N PRO A 115 -3.77 -30.59 18.10
CA PRO A 115 -4.35 -31.14 16.85
C PRO A 115 -5.76 -30.68 16.56
N GLY A 116 -6.56 -30.36 17.59
CA GLY A 116 -7.87 -29.80 17.33
C GLY A 116 -7.80 -28.45 16.64
N LYS A 117 -6.84 -27.62 17.05
CA LYS A 117 -6.70 -26.31 16.43
C LYS A 117 -6.08 -26.43 15.03
N ILE A 118 -5.18 -27.40 14.83
CA ILE A 118 -4.67 -27.69 13.50
C ILE A 118 -5.81 -28.03 12.55
N ALA A 119 -6.74 -28.87 13.02
CA ALA A 119 -7.87 -29.27 12.19
C ALA A 119 -8.86 -28.11 12.00
N ASP A 120 -9.05 -27.29 13.04
CA ASP A 120 -9.94 -26.15 12.90
C ASP A 120 -9.41 -25.14 11.89
N TYR A 121 -8.09 -24.92 11.89
CA TYR A 121 -7.50 -24.03 10.89
C TYR A 121 -7.60 -24.64 9.49
N THR A 122 -7.33 -25.94 9.39
CA THR A 122 -7.36 -26.60 8.08
C THR A 122 -8.75 -26.50 7.45
N ALA A 123 -9.80 -26.76 8.24
CA ALA A 123 -11.15 -26.62 7.72
C ALA A 123 -11.45 -25.18 7.34
N TRP A 124 -11.02 -24.23 8.19
CA TRP A 124 -11.21 -22.82 7.89
C TRP A 124 -10.51 -22.42 6.59
N ALA A 125 -9.26 -22.87 6.42
CA ALA A 125 -8.49 -22.50 5.24
C ALA A 125 -9.11 -23.08 3.96
N LEU A 126 -9.58 -24.33 4.01
CA LEU A 126 -10.18 -24.93 2.82
C LEU A 126 -11.51 -24.27 2.47
N ARG A 127 -12.29 -23.89 3.47
CA ARG A 127 -13.50 -23.11 3.22
C ARG A 127 -13.15 -21.79 2.54
N VAL A 128 -12.20 -21.04 3.12
CA VAL A 128 -11.83 -19.74 2.57
C VAL A 128 -11.36 -19.90 1.11
N HIS A 129 -10.47 -20.86 0.87
CA HIS A 129 -9.96 -21.05 -0.49
C HIS A 129 -11.08 -21.42 -1.45
N ALA A 130 -12.05 -22.21 -1.00
CA ALA A 130 -13.14 -22.61 -1.87
C ALA A 130 -14.03 -21.43 -2.24
N GLY A 131 -14.26 -20.53 -1.28
CA GLY A 131 -15.02 -19.32 -1.58
C GLY A 131 -14.32 -18.42 -2.59
N VAL A 132 -12.99 -18.32 -2.49
CA VAL A 132 -12.25 -17.53 -3.46
C VAL A 132 -12.39 -18.13 -4.86
N GLU A 133 -12.33 -19.46 -4.96
CA GLU A 133 -12.53 -20.11 -6.25
C GLU A 133 -13.91 -19.82 -6.81
N ARG A 134 -14.95 -19.83 -5.96
CA ARG A 134 -16.30 -19.56 -6.43
C ARG A 134 -16.43 -18.12 -6.90
N LEU A 135 -15.86 -17.18 -6.15
CA LEU A 135 -15.87 -15.78 -6.58
C LEU A 135 -15.12 -15.60 -7.89
N ILE A 136 -13.93 -16.19 -7.99
CA ILE A 136 -13.12 -16.06 -9.20
C ILE A 136 -13.86 -16.64 -10.40
N ASP A 137 -14.60 -17.73 -10.19
CA ASP A 137 -15.38 -18.31 -11.28
C ASP A 137 -16.48 -17.36 -11.73
N ALA A 138 -17.18 -16.73 -10.79
CA ALA A 138 -18.19 -15.75 -11.15
C ALA A 138 -17.59 -14.60 -11.94
N ILE A 139 -16.40 -14.17 -11.55
CA ILE A 139 -15.74 -13.06 -12.23
C ILE A 139 -15.35 -13.46 -13.65
N HIS A 140 -14.83 -14.68 -13.82
CA HIS A 140 -14.48 -15.16 -15.15
C HIS A 140 -15.73 -15.35 -16.02
N ALA A 141 -16.83 -15.82 -15.42
CA ALA A 141 -18.07 -15.94 -16.18
C ALA A 141 -18.54 -14.58 -16.68
N ARG A 142 -18.20 -13.53 -15.96
CA ARG A 142 -18.53 -12.16 -16.34
C ARG A 142 -17.58 -11.59 -17.39
N GLY A 143 -16.51 -12.31 -17.72
CA GLY A 143 -15.56 -11.86 -18.73
C GLY A 143 -14.35 -11.11 -18.23
N ILE A 144 -13.97 -11.27 -16.97
CA ILE A 144 -12.90 -10.50 -16.35
C ILE A 144 -11.85 -11.46 -15.78
N VAL A 145 -10.56 -11.10 -15.95
CA VAL A 145 -9.45 -11.74 -15.24
C VAL A 145 -9.06 -10.84 -14.08
N TYR A 146 -8.80 -11.43 -12.92
CA TYR A 146 -8.48 -10.64 -11.73
C TYR A 146 -7.01 -10.25 -11.64
N ASN A 147 -6.10 -11.13 -12.08
CA ASN A 147 -4.69 -10.86 -12.29
C ASN A 147 -3.85 -10.74 -11.01
N ASP A 148 -4.42 -10.17 -9.95
CA ASP A 148 -3.65 -9.83 -8.76
C ASP A 148 -4.14 -10.59 -7.53
N LEU A 149 -4.55 -11.84 -7.72
CA LEU A 149 -5.16 -12.60 -6.63
C LEU A 149 -4.06 -13.10 -5.70
N HIS A 150 -4.13 -12.67 -4.44
CA HIS A 150 -3.21 -13.13 -3.40
C HIS A 150 -3.80 -12.71 -2.05
N MET A 151 -3.06 -13.02 -0.98
CA MET A 151 -3.62 -12.89 0.37
C MET A 151 -3.87 -11.45 0.79
N PHE A 152 -3.23 -10.48 0.12
CA PHE A 152 -3.46 -9.08 0.49
C PHE A 152 -4.73 -8.51 -0.12
N ASN A 153 -5.29 -9.17 -1.14
CA ASN A 153 -6.50 -8.70 -1.81
C ASN A 153 -7.76 -9.42 -1.35
N ILE A 154 -7.64 -10.40 -0.45
CA ILE A 154 -8.76 -11.23 -0.05
C ILE A 154 -9.26 -10.77 1.32
N MET A 155 -10.56 -10.50 1.40
CA MET A 155 -11.21 -10.12 2.64
C MET A 155 -12.02 -11.30 3.17
N VAL A 156 -11.88 -11.60 4.46
CA VAL A 156 -12.68 -12.64 5.11
C VAL A 156 -13.75 -11.93 5.92
N ARG A 157 -14.99 -12.02 5.46
CA ARG A 157 -16.11 -11.33 6.07
C ARG A 157 -16.55 -12.05 7.34
N PRO A 158 -17.32 -11.37 8.21
CA PRO A 158 -17.67 -11.98 9.50
C PRO A 158 -18.37 -13.33 9.41
N ASP A 159 -19.18 -13.54 8.37
CA ASP A 159 -19.87 -14.82 8.19
C ASP A 159 -18.98 -15.89 7.53
N GLU A 160 -17.69 -15.61 7.39
CA GLU A 160 -16.63 -16.47 6.83
C GLU A 160 -16.64 -16.47 5.30
N THR A 161 -17.52 -15.75 4.64
CA THR A 161 -17.44 -15.62 3.19
C THR A 161 -16.34 -14.63 2.81
N VAL A 162 -15.95 -14.67 1.53
CA VAL A 162 -14.78 -13.94 1.07
C VAL A 162 -15.21 -12.82 0.12
N ALA A 163 -14.26 -11.93 -0.16
CA ALA A 163 -14.43 -10.85 -1.11
C ALA A 163 -13.05 -10.40 -1.57
N LEU A 164 -13.02 -9.71 -2.71
CA LEU A 164 -11.81 -9.08 -3.21
C LEU A 164 -11.98 -7.57 -3.17
N ILE A 165 -10.86 -6.86 -2.97
CA ILE A 165 -10.89 -5.43 -2.68
C ILE A 165 -10.42 -4.60 -3.87
N ASP A 166 -9.26 -4.89 -4.42
CA ASP A 166 -8.63 -4.02 -5.40
C ASP A 166 -8.80 -4.60 -6.80
N PHE A 167 -9.45 -3.84 -7.67
CA PHE A 167 -9.77 -4.29 -9.02
C PHE A 167 -9.08 -3.46 -10.10
N GLU A 168 -8.03 -2.73 -9.73
CA GLU A 168 -7.29 -1.97 -10.74
C GLU A 168 -6.54 -2.89 -11.70
N ALA A 169 -6.07 -4.03 -11.20
CA ALA A 169 -5.28 -4.95 -12.00
C ALA A 169 -6.12 -5.83 -12.90
N ALA A 170 -7.44 -5.81 -12.75
CA ALA A 170 -8.31 -6.68 -13.52
C ALA A 170 -8.40 -6.23 -14.97
N ALA A 171 -8.69 -7.17 -15.87
CA ALA A 171 -8.70 -6.82 -17.29
C ALA A 171 -9.67 -7.77 -17.99
N PRO A 172 -10.17 -7.42 -19.19
CA PRO A 172 -10.98 -8.37 -19.92
C PRO A 172 -10.20 -9.66 -20.25
N LEU A 173 -10.89 -10.79 -20.31
CA LEU A 173 -10.27 -12.08 -20.69
C LEU A 173 -9.54 -11.89 -22.04
N ALA A 174 -10.12 -11.09 -22.92
CA ALA A 174 -9.52 -10.79 -24.24
C ALA A 174 -8.14 -10.16 -24.08
N GLU A 175 -8.03 -9.01 -23.42
CA GLU A 175 -6.74 -8.29 -23.22
C GLU A 175 -5.60 -9.29 -23.16
N ARG A 176 -4.74 -9.30 -24.16
CA ARG A 176 -3.69 -10.35 -24.23
C ARG A 176 -2.41 -9.93 -23.51
N SER A 177 -2.18 -8.63 -23.36
CA SER A 177 -0.89 -8.24 -22.78
C SER A 177 -1.06 -7.79 -21.33
N THR A 180 2.34 -10.46 -16.99
CA THR A 180 1.84 -11.27 -15.89
C THR A 180 2.47 -10.86 -14.56
N LEU A 181 1.62 -10.62 -13.57
CA LEU A 181 2.05 -10.04 -12.30
C LEU A 181 2.60 -11.11 -11.37
N ALA A 182 3.68 -10.78 -10.67
CA ALA A 182 4.31 -11.74 -9.78
C ALA A 182 3.53 -11.88 -8.48
N ASN A 183 3.48 -13.10 -7.98
CA ASN A 183 2.82 -13.52 -6.75
C ASN A 183 3.74 -13.30 -5.55
N PRO A 184 3.18 -12.99 -4.37
CA PRO A 184 4.03 -12.83 -3.18
C PRO A 184 4.79 -14.08 -2.80
N ALA A 185 4.31 -15.27 -3.15
CA ALA A 185 4.95 -16.51 -2.77
C ALA A 185 5.88 -17.07 -3.85
N PHE A 186 5.50 -16.96 -5.12
CA PHE A 186 6.25 -17.56 -6.20
C PHE A 186 6.30 -16.62 -7.38
N GLN A 187 7.29 -16.84 -8.24
CA GLN A 187 7.44 -16.05 -9.46
C GLN A 187 6.31 -16.37 -10.44
N ALA A 188 5.91 -15.36 -11.21
CA ALA A 188 4.83 -15.55 -12.16
C ALA A 188 5.32 -16.43 -13.32
N PRO A 189 4.47 -17.33 -13.82
CA PRO A 189 4.90 -18.22 -14.89
C PRO A 189 5.01 -17.46 -16.21
N PRO A 190 5.84 -17.92 -17.13
CA PRO A 190 6.12 -17.14 -18.36
C PRO A 190 4.91 -16.98 -19.27
N GLY A 191 4.49 -18.06 -19.93
CA GLY A 191 3.49 -17.94 -20.97
C GLY A 191 2.07 -18.37 -20.59
N ARG A 192 1.48 -17.73 -19.59
CA ARG A 192 0.09 -17.97 -19.23
C ARG A 192 -0.77 -16.78 -19.62
N TYR A 193 -1.98 -17.07 -20.10
CA TYR A 193 -2.92 -16.04 -20.48
C TYR A 193 -4.34 -16.51 -20.19
N GLY A 194 -5.28 -15.56 -20.27
CA GLY A 194 -6.66 -15.87 -20.00
C GLY A 194 -6.90 -16.19 -18.54
N ALA A 195 -7.82 -17.11 -18.29
CA ALA A 195 -8.15 -17.51 -16.93
C ALA A 195 -7.06 -18.36 -16.28
N ASP A 196 -6.04 -18.78 -17.04
CA ASP A 196 -4.95 -19.57 -16.47
C ASP A 196 -4.08 -18.76 -15.52
N VAL A 197 -4.05 -17.43 -15.68
CA VAL A 197 -3.30 -16.58 -14.75
C VAL A 197 -3.87 -16.70 -13.35
N ASP A 198 -5.19 -16.56 -13.23
CA ASP A 198 -5.83 -16.68 -11.92
C ASP A 198 -5.81 -18.12 -11.42
N ARG A 199 -5.78 -19.09 -12.32
CA ARG A 199 -5.64 -20.49 -11.91
C ARG A 199 -4.30 -20.72 -11.21
N TYR A 200 -3.24 -20.07 -11.72
CA TYR A 200 -1.94 -20.18 -11.09
C TYR A 200 -1.93 -19.51 -9.73
N SER A 201 -2.57 -18.35 -9.61
CA SER A 201 -2.62 -17.65 -8.33
C SER A 201 -3.35 -18.48 -7.28
N LEU A 202 -4.43 -19.16 -7.68
CA LEU A 202 -5.15 -20.02 -6.75
C LEU A 202 -4.30 -21.20 -6.30
N ALA A 203 -3.51 -21.76 -7.22
CA ALA A 203 -2.60 -22.84 -6.84
C ALA A 203 -1.59 -22.37 -5.80
N CYS A 204 -0.99 -21.19 -6.03
CA CYS A 204 -0.04 -20.65 -5.06
C CYS A 204 -0.72 -20.37 -3.74
N LEU A 205 -1.99 -19.95 -3.78
CA LEU A 205 -2.71 -19.68 -2.55
C LEU A 205 -2.93 -20.95 -1.74
N ARG A 206 -3.07 -22.10 -2.41
CA ARG A 206 -3.28 -23.35 -1.69
C ARG A 206 -2.09 -23.70 -0.80
N LEU A 207 -0.87 -23.48 -1.32
CA LEU A 207 0.31 -23.71 -0.49
C LEU A 207 0.48 -22.61 0.55
N ALA A 208 0.25 -21.35 0.17
CA ALA A 208 0.53 -20.24 1.06
C ALA A 208 -0.32 -20.28 2.33
N LEU A 209 -1.53 -20.85 2.25
CA LEU A 209 -2.38 -20.91 3.42
C LEU A 209 -1.83 -21.83 4.51
N PHE A 210 -0.86 -22.68 4.17
CA PHE A 210 -0.29 -23.61 5.12
C PHE A 210 1.22 -23.46 5.31
N LEU A 211 1.86 -22.65 4.50
CA LEU A 211 3.29 -22.56 4.74
C LEU A 211 3.61 -21.42 5.70
N PRO A 212 4.64 -21.56 6.52
CA PRO A 212 5.09 -20.43 7.33
C PRO A 212 5.64 -19.34 6.43
N LEU A 213 5.51 -18.09 6.90
CA LEU A 213 5.87 -16.93 6.08
C LEU A 213 7.31 -17.00 5.59
N THR A 214 8.25 -17.39 6.46
CA THR A 214 9.65 -17.44 6.05
C THR A 214 9.87 -18.45 4.94
N THR A 215 9.31 -19.66 5.09
CA THR A 215 9.43 -20.65 4.03
C THR A 215 8.75 -20.19 2.75
N LEU A 216 7.60 -19.51 2.89
CA LEU A 216 6.87 -19.03 1.73
C LEU A 216 7.73 -18.10 0.87
N LEU A 217 8.45 -17.17 1.51
CA LEU A 217 9.22 -16.19 0.75
C LEU A 217 10.52 -16.78 0.20
N VAL A 218 11.19 -17.62 0.97
CA VAL A 218 12.51 -18.08 0.57
C VAL A 218 12.42 -19.15 -0.51
N GLN A 219 11.47 -20.08 -0.39
CA GLN A 219 11.43 -21.24 -1.27
C GLN A 219 10.78 -20.91 -2.61
N ASP A 220 11.40 -21.36 -3.69
CA ASP A 220 10.95 -21.08 -5.05
C ASP A 220 10.00 -22.16 -5.55
N ARG A 221 9.40 -21.91 -6.71
CA ARG A 221 8.37 -22.80 -7.24
C ARG A 221 8.92 -24.14 -7.71
N HIS A 222 10.24 -24.28 -7.88
CA HIS A 222 10.80 -25.59 -8.19
C HIS A 222 10.55 -26.57 -7.05
N LYS A 223 10.45 -26.08 -5.83
CA LYS A 223 10.31 -26.91 -4.63
C LYS A 223 8.84 -27.17 -4.26
N ALA A 224 7.90 -26.96 -5.20
CA ALA A 224 6.48 -27.06 -4.88
C ALA A 224 6.12 -28.45 -4.35
N TRP A 225 6.61 -29.50 -5.02
CA TRP A 225 6.28 -30.86 -4.58
C TRP A 225 6.77 -31.12 -3.16
N GLU A 226 7.98 -30.69 -2.84
CA GLU A 226 8.48 -30.84 -1.49
C GLU A 226 7.61 -30.08 -0.49
N LEU A 227 7.20 -28.86 -0.86
CA LEU A 227 6.36 -28.07 0.04
C LEU A 227 5.02 -28.75 0.30
N ALA A 228 4.42 -29.30 -0.76
CA ALA A 228 3.18 -30.04 -0.59
C ALA A 228 3.36 -31.22 0.36
N GLU A 229 4.49 -31.92 0.24
CA GLU A 229 4.74 -33.04 1.14
C GLU A 229 4.88 -32.56 2.58
N ALA A 230 5.60 -31.46 2.79
CA ALA A 230 5.78 -30.92 4.14
C ALA A 230 4.45 -30.47 4.74
N ILE A 231 3.56 -29.90 3.92
CA ILE A 231 2.26 -29.48 4.41
C ILE A 231 1.47 -30.69 4.91
N ALA A 232 1.48 -31.77 4.14
CA ALA A 232 0.73 -32.97 4.51
C ALA A 232 1.21 -33.59 5.81
N GLU A 233 2.48 -33.36 6.19
CA GLU A 233 3.00 -33.89 7.44
C GLU A 233 2.56 -33.08 8.65
N HIS A 234 2.22 -31.81 8.47
CA HIS A 234 1.77 -31.00 9.60
C HIS A 234 0.26 -30.76 9.61
N PHE A 235 -0.39 -30.84 8.45
CA PHE A 235 -1.80 -30.48 8.34
C PHE A 235 -2.60 -31.60 7.69
N PRO A 236 -3.81 -31.86 8.17
CA PRO A 236 -4.68 -32.89 7.56
C PRO A 236 -5.34 -32.41 6.27
N VAL A 237 -4.51 -31.94 5.33
CA VAL A 237 -5.04 -31.49 4.06
C VAL A 237 -5.20 -32.70 3.16
N PRO A 238 -6.33 -32.85 2.47
CA PRO A 238 -6.43 -33.90 1.44
C PRO A 238 -5.31 -33.78 0.41
N ARG A 239 -4.62 -34.90 0.18
CA ARG A 239 -3.38 -34.85 -0.58
C ARG A 239 -3.61 -34.43 -2.03
N GLY A 240 -4.77 -34.76 -2.59
CA GLY A 240 -5.07 -34.33 -3.95
C GLY A 240 -5.19 -32.83 -4.07
N PHE A 241 -5.67 -32.17 -3.02
CA PHE A 241 -5.70 -30.71 -2.96
C PHE A 241 -4.30 -30.14 -3.19
N LEU A 242 -3.32 -30.68 -2.46
CA LEU A 242 -1.95 -30.20 -2.55
C LEU A 242 -1.29 -30.61 -3.86
N ARG A 243 -1.60 -31.81 -4.37
CA ARG A 243 -0.96 -32.28 -5.60
C ARG A 243 -1.40 -31.45 -6.80
N GLU A 244 -2.67 -31.07 -6.86
CA GLU A 244 -3.13 -30.25 -7.97
C GLU A 244 -2.46 -28.88 -7.96
N ALA A 245 -2.20 -28.33 -6.77
CA ALA A 245 -1.48 -27.06 -6.67
C ALA A 245 -0.04 -27.20 -7.17
N ALA A 246 0.66 -28.23 -6.70
CA ALA A 246 2.04 -28.44 -7.13
C ALA A 246 2.12 -28.68 -8.63
N ARG A 247 1.14 -29.38 -9.21
CA ARG A 247 1.14 -29.60 -10.65
C ARG A 247 0.91 -28.29 -11.39
N GLU A 248 -0.09 -27.51 -10.96
CA GLU A 248 -0.38 -26.26 -11.66
C GLU A 248 0.75 -25.27 -11.56
N ILE A 249 1.49 -25.28 -10.43
CA ILE A 249 2.56 -24.31 -10.24
C ILE A 249 3.77 -24.67 -11.11
N THR A 250 4.02 -25.96 -11.33
CA THR A 250 5.21 -26.41 -12.03
C THR A 250 4.90 -27.04 -13.39
N ARG A 251 3.70 -26.82 -13.93
CA ARG A 251 3.28 -27.49 -15.16
C ARG A 251 4.10 -27.08 -16.38
N ASP A 252 4.88 -26.00 -16.30
CA ASP A 252 5.64 -25.50 -17.43
C ASP A 252 7.15 -25.61 -17.23
N LEU A 253 7.60 -26.37 -16.24
CA LEU A 253 9.03 -26.46 -15.94
C LEU A 253 9.67 -27.74 -16.48
N ALA B 5 16.64 -23.63 5.49
CA ALA B 5 16.43 -22.25 5.10
C ALA B 5 17.76 -21.51 4.98
N GLY B 6 18.54 -21.55 6.04
CA GLY B 6 19.79 -20.80 6.08
C GLY B 6 19.60 -19.31 6.28
N LEU B 7 18.46 -18.90 6.83
CA LEU B 7 18.14 -17.49 6.98
C LEU B 7 18.25 -17.09 8.44
N PRO B 8 18.98 -16.02 8.76
CA PRO B 8 18.98 -15.49 10.13
C PRO B 8 17.74 -14.71 10.50
N TYR B 9 16.77 -14.57 9.61
CA TYR B 9 15.58 -13.78 9.86
C TYR B 9 14.35 -14.68 9.86
N ARG B 10 13.40 -14.36 10.72
CA ARG B 10 12.10 -15.03 10.76
C ARG B 10 11.03 -13.98 10.52
N ILE B 11 10.21 -14.19 9.51
CA ILE B 11 9.16 -13.24 9.16
C ILE B 11 7.93 -13.55 10.01
N GLU B 12 7.38 -12.51 10.66
CA GLU B 12 6.27 -12.68 11.59
C GLU B 12 4.96 -12.06 11.13
N ALA B 13 5.00 -11.12 10.19
CA ALA B 13 3.78 -10.48 9.73
C ALA B 13 3.96 -10.00 8.30
N ALA B 14 2.86 -9.99 7.56
CA ALA B 14 2.83 -9.48 6.19
C ALA B 14 2.12 -8.13 6.20
N LEU B 15 2.85 -7.08 5.79
CA LEU B 15 2.35 -5.72 5.95
C LEU B 15 1.60 -5.24 4.70
N HIS B 16 2.26 -5.24 3.55
CA HIS B 16 1.59 -4.90 2.30
C HIS B 16 2.39 -5.44 1.14
N PHE B 17 1.72 -5.51 -0.02
CA PHE B 17 2.30 -6.01 -1.26
C PHE B 17 1.73 -5.22 -2.42
N SER B 18 2.59 -4.80 -3.34
CA SER B 18 2.12 -4.06 -4.52
C SER B 18 3.19 -4.10 -5.58
N ASN B 19 2.76 -4.31 -6.83
CA ASN B 19 3.64 -4.28 -8.00
C ASN B 19 4.83 -5.21 -7.82
N GLY B 20 4.56 -6.44 -7.40
CA GLY B 20 5.60 -7.42 -7.21
C GLY B 20 6.54 -7.16 -6.06
N GLY B 21 6.21 -6.23 -5.17
CA GLY B 21 7.06 -5.95 -4.02
C GLY B 21 6.33 -6.07 -2.71
N GLY B 22 6.85 -6.88 -1.80
CA GLY B 22 6.24 -7.10 -0.50
C GLY B 22 7.02 -6.46 0.62
N VAL B 23 6.32 -6.13 1.71
CA VAL B 23 6.93 -5.56 2.90
C VAL B 23 6.50 -6.42 4.09
N TYR B 24 7.47 -6.87 4.88
CA TYR B 24 7.20 -7.77 5.99
C TYR B 24 7.95 -7.34 7.23
N ALA B 25 7.36 -7.63 8.39
CA ALA B 25 7.99 -7.41 9.68
C ALA B 25 8.61 -8.72 10.17
N GLY B 26 9.84 -8.63 10.66
CA GLY B 26 10.53 -9.84 11.08
C GLY B 26 11.41 -9.66 12.30
N ILE B 27 12.22 -10.68 12.58
CA ILE B 27 13.11 -10.69 13.73
C ILE B 27 14.45 -11.26 13.29
N ASP B 28 15.54 -10.56 13.63
CA ASP B 28 16.86 -11.16 13.52
C ASP B 28 16.99 -12.21 14.62
N THR B 29 17.05 -13.49 14.23
CA THR B 29 17.11 -14.55 15.23
C THR B 29 18.44 -14.55 15.99
N ARG B 30 19.48 -13.96 15.41
CA ARG B 30 20.77 -13.90 16.10
C ARG B 30 20.73 -12.96 17.28
N THR B 31 19.90 -11.92 17.22
CA THR B 31 19.87 -10.89 18.25
C THR B 31 18.47 -10.56 18.76
N GLY B 32 17.41 -11.08 18.15
CA GLY B 32 16.06 -10.73 18.53
C GLY B 32 15.62 -9.35 18.10
N ALA B 33 16.44 -8.62 17.34
CA ALA B 33 16.09 -7.26 16.94
C ALA B 33 14.96 -7.27 15.92
N GLN B 34 14.07 -6.28 16.04
CA GLN B 34 12.96 -6.12 15.11
C GLN B 34 13.44 -5.49 13.80
N VAL B 35 13.04 -6.08 12.68
CA VAL B 35 13.46 -5.63 11.36
C VAL B 35 12.25 -5.53 10.44
N VAL B 36 12.45 -4.84 9.33
CA VAL B 36 11.51 -4.80 8.21
C VAL B 36 12.20 -5.41 7.00
N LEU B 37 11.51 -6.30 6.31
CA LEU B 37 12.05 -6.98 5.14
C LEU B 37 11.25 -6.57 3.91
N LYS B 38 11.94 -6.03 2.91
CA LYS B 38 11.34 -5.69 1.64
C LYS B 38 11.89 -6.63 0.59
N GLU B 39 10.98 -7.20 -0.22
CA GLU B 39 11.34 -8.24 -1.18
C GLU B 39 10.76 -7.85 -2.53
N ALA B 40 11.45 -8.28 -3.60
CA ALA B 40 11.07 -7.88 -4.94
C ALA B 40 11.40 -8.99 -5.92
N ARG B 41 10.53 -9.16 -6.91
CA ARG B 41 10.74 -10.14 -7.97
C ARG B 41 10.85 -9.46 -9.32
N PRO B 42 11.76 -9.91 -10.18
CA PRO B 42 11.94 -9.28 -11.49
C PRO B 42 10.73 -9.46 -12.39
N HIS B 43 10.60 -8.54 -13.35
CA HIS B 43 9.53 -8.56 -14.34
C HIS B 43 10.13 -8.20 -15.69
N ALA B 44 10.02 -9.12 -16.65
CA ALA B 44 10.61 -8.98 -17.97
C ALA B 44 9.63 -8.45 -19.00
N GLY B 45 10.18 -7.71 -19.98
CA GLY B 45 9.45 -7.28 -21.15
C GLY B 45 8.54 -6.09 -20.93
N LEU B 46 8.29 -5.37 -22.03
CA LEU B 46 7.44 -4.18 -22.10
C LEU B 46 7.96 -3.04 -21.23
N ALA B 47 8.48 -1.99 -21.86
CA ALA B 47 9.00 -0.83 -21.14
C ALA B 47 7.92 0.16 -20.76
N ALA B 48 6.69 -0.02 -21.24
CA ALA B 48 5.62 0.92 -20.93
C ALA B 48 5.10 0.80 -19.51
N ASP B 49 5.34 -0.33 -18.84
CA ASP B 49 5.03 -0.44 -17.42
C ASP B 49 6.20 0.01 -16.54
N GLY B 50 7.29 0.49 -17.17
CA GLY B 50 8.48 1.06 -16.54
C GLY B 50 8.90 0.68 -15.13
N ALA B 51 10.12 0.13 -15.03
CA ALA B 51 10.76 -0.19 -13.76
C ALA B 51 10.00 -1.27 -12.99
N ASP B 52 10.64 -2.43 -12.81
CA ASP B 52 10.04 -3.49 -12.03
C ASP B 52 10.37 -3.31 -10.56
N ALA B 53 9.95 -4.28 -9.74
CA ALA B 53 10.13 -4.17 -8.31
C ALA B 53 11.60 -4.24 -7.92
N VAL B 54 12.41 -5.02 -8.64
CA VAL B 54 13.83 -5.11 -8.30
C VAL B 54 14.54 -3.80 -8.60
N THR B 55 14.16 -3.14 -9.70
CA THR B 55 14.76 -1.84 -10.01
C THR B 55 14.42 -0.81 -8.95
N ARG B 56 13.16 -0.74 -8.55
CA ARG B 56 12.76 0.21 -7.53
C ARG B 56 13.35 -0.13 -6.17
N LEU B 57 13.49 -1.42 -5.86
CA LEU B 57 14.13 -1.80 -4.59
C LEU B 57 15.60 -1.41 -4.57
N ARG B 58 16.31 -1.60 -5.68
CA ARG B 58 17.71 -1.21 -5.71
C ARG B 58 17.86 0.30 -5.58
N HIS B 59 16.97 1.07 -6.21
CA HIS B 59 17.05 2.52 -6.08
C HIS B 59 16.76 2.98 -4.65
N GLU B 60 15.78 2.35 -3.98
CA GLU B 60 15.48 2.72 -2.60
C GLU B 60 16.67 2.42 -1.69
N ARG B 61 17.31 1.27 -1.88
CA ARG B 61 18.48 0.94 -1.08
C ARG B 61 19.60 1.93 -1.31
N ASP B 62 19.81 2.34 -2.56
CA ASP B 62 20.84 3.33 -2.87
C ASP B 62 20.55 4.66 -2.17
N MET B 63 19.29 5.11 -2.23
CA MET B 63 18.92 6.35 -1.57
C MET B 63 19.10 6.23 -0.05
N LEU B 64 18.71 5.08 0.52
CA LEU B 64 18.87 4.90 1.95
C LEU B 64 20.34 4.85 2.36
N GLN B 65 21.23 4.39 1.47
CA GLN B 65 22.64 4.33 1.82
C GLN B 65 23.30 5.70 1.70
N ARG B 66 22.81 6.55 0.79
CA ARG B 66 23.31 7.93 0.72
C ARG B 66 22.85 8.74 1.93
N LEU B 67 21.72 8.38 2.52
CA LEU B 67 21.15 9.11 3.64
C LEU B 67 21.50 8.48 4.98
N ALA B 68 22.47 7.56 5.00
CA ALA B 68 22.82 6.85 6.22
C ALA B 68 23.32 7.81 7.30
N GLY B 69 23.01 7.47 8.55
CA GLY B 69 23.40 8.26 9.69
C GLY B 69 22.42 9.34 10.09
N ILE B 70 21.49 9.70 9.21
CA ILE B 70 20.47 10.69 9.54
C ILE B 70 19.39 10.03 10.40
N ASP B 71 19.12 10.61 11.56
CA ASP B 71 18.06 10.10 12.42
C ASP B 71 16.70 10.46 11.83
N GLY B 72 15.84 9.46 11.66
CA GLY B 72 14.61 9.61 10.93
C GLY B 72 14.62 8.92 9.58
N VAL B 73 15.77 8.43 9.15
CA VAL B 73 15.93 7.63 7.94
C VAL B 73 16.28 6.21 8.36
N PRO B 74 15.49 5.20 7.98
CA PRO B 74 15.79 3.82 8.39
C PRO B 74 17.12 3.34 7.83
N ALA B 75 17.88 2.66 8.68
CA ALA B 75 19.19 2.14 8.29
C ALA B 75 19.04 0.86 7.47
N VAL B 76 20.00 0.64 6.59
CA VAL B 76 20.08 -0.59 5.80
C VAL B 76 20.88 -1.60 6.60
N LEU B 77 20.23 -2.67 7.04
CA LEU B 77 20.87 -3.70 7.86
C LEU B 77 21.49 -4.81 7.03
N ASP B 78 20.90 -5.15 5.89
CA ASP B 78 21.36 -6.29 5.10
C ASP B 78 20.65 -6.26 3.75
N HIS B 79 21.25 -6.93 2.78
CA HIS B 79 20.61 -7.15 1.49
C HIS B 79 21.25 -8.35 0.82
N PHE B 80 20.44 -9.19 0.20
CA PHE B 80 20.93 -10.40 -0.43
C PHE B 80 19.94 -10.81 -1.51
N THR B 81 20.35 -11.73 -2.36
CA THR B 81 19.52 -12.23 -3.44
C THR B 81 19.52 -13.75 -3.40
N LEU B 82 18.33 -14.34 -3.44
CA LEU B 82 18.15 -15.78 -3.59
C LEU B 82 17.68 -15.99 -5.03
N GLY B 83 18.60 -16.41 -5.89
CA GLY B 83 18.33 -16.44 -7.30
C GLY B 83 18.13 -15.04 -7.83
N GLU B 84 16.92 -14.75 -8.32
CA GLU B 84 16.55 -13.40 -8.73
C GLU B 84 15.62 -12.74 -7.72
N HIS B 85 15.42 -13.36 -6.56
CA HIS B 85 14.57 -12.80 -5.51
C HIS B 85 15.43 -11.90 -4.64
N HIS B 86 15.15 -10.60 -4.69
CA HIS B 86 15.91 -9.61 -3.93
C HIS B 86 15.30 -9.37 -2.56
N PHE B 87 16.15 -9.30 -1.54
CA PHE B 87 15.71 -9.02 -0.19
C PHE B 87 16.44 -7.78 0.33
N LEU B 88 15.70 -6.91 1.00
CA LEU B 88 16.25 -5.70 1.62
C LEU B 88 15.81 -5.67 3.07
N VAL B 89 16.75 -5.63 3.99
CA VAL B 89 16.48 -5.66 5.43
C VAL B 89 16.72 -4.26 5.97
N LEU B 90 15.67 -3.67 6.54
CA LEU B 90 15.74 -2.31 7.09
C LEU B 90 15.45 -2.34 8.58
N GLU B 91 15.86 -1.27 9.26
CA GLU B 91 15.52 -1.13 10.66
C GLU B 91 14.05 -0.77 10.80
N ARG B 92 13.41 -1.29 11.83
CA ARG B 92 12.00 -1.03 12.12
C ARG B 92 11.90 0.26 12.93
N ILE B 93 11.24 1.27 12.37
CA ILE B 93 10.95 2.49 13.09
C ILE B 93 9.63 2.32 13.83
N GLU B 94 9.67 2.48 15.16
CA GLU B 94 8.44 2.41 15.93
C GLU B 94 7.68 3.73 15.83
N GLY B 95 6.40 3.68 16.17
CA GLY B 95 5.53 4.84 16.16
C GLY B 95 4.34 4.63 15.25
N ARG B 96 3.67 5.75 14.96
CA ARG B 96 2.45 5.75 14.16
C ARG B 96 2.61 6.69 12.97
N ALA B 97 2.04 6.29 11.83
CA ALA B 97 2.05 7.14 10.66
C ALA B 97 1.12 8.33 10.88
N LEU B 98 1.52 9.49 10.35
CA LEU B 98 0.82 10.72 10.65
C LEU B 98 -0.64 10.68 10.21
N ASN B 99 -0.94 9.93 9.14
CA ASN B 99 -2.31 9.89 8.65
C ASN B 99 -3.27 9.23 9.63
N THR B 100 -2.78 8.38 10.54
CA THR B 100 -3.66 7.74 11.51
C THR B 100 -4.07 8.69 12.63
N PHE B 101 -3.44 9.85 12.74
CA PHE B 101 -3.86 10.84 13.72
C PHE B 101 -5.08 11.63 13.26
N PHE B 102 -5.34 11.67 11.94
CA PHE B 102 -6.46 12.43 11.41
C PHE B 102 -7.81 11.79 11.69
N ALA B 103 -7.84 10.59 12.25
CA ALA B 103 -9.10 9.91 12.54
C ALA B 103 -9.61 10.16 13.95
N GLU B 104 -8.78 10.72 14.84
CA GLU B 104 -9.17 10.89 16.23
C GLU B 104 -8.74 12.27 16.74
N PRO B 113 -15.47 23.00 22.33
CA PRO B 113 -14.14 22.39 22.31
C PRO B 113 -13.24 22.91 23.42
N ASP B 114 -12.49 22.02 24.05
CA ASP B 114 -11.57 22.41 25.12
C ASP B 114 -10.50 23.36 24.59
N PRO B 115 -10.45 24.61 25.07
CA PRO B 115 -9.41 25.53 24.58
C PRO B 115 -8.01 25.13 24.99
N GLY B 116 -7.86 24.45 26.15
CA GLY B 116 -6.57 23.94 26.53
C GLY B 116 -6.05 22.87 25.57
N LYS B 117 -6.95 21.99 25.12
CA LYS B 117 -6.54 20.94 24.20
C LYS B 117 -6.28 21.46 22.79
N ILE B 118 -7.02 22.49 22.36
CA ILE B 118 -6.74 23.14 21.08
C ILE B 118 -5.31 23.67 21.05
N ALA B 119 -4.89 24.33 22.14
CA ALA B 119 -3.55 24.88 22.19
C ALA B 119 -2.51 23.77 22.29
N ASP B 120 -2.83 22.70 23.02
CA ASP B 120 -1.91 21.58 23.12
C ASP B 120 -1.73 20.90 21.76
N TYR B 121 -2.81 20.83 20.98
CA TYR B 121 -2.69 20.27 19.63
C TYR B 121 -1.89 21.19 18.71
N THR B 122 -2.09 22.51 18.82
CA THR B 122 -1.41 23.44 17.95
C THR B 122 0.11 23.35 18.13
N ALA B 123 0.56 23.30 19.37
CA ALA B 123 1.99 23.14 19.63
C ALA B 123 2.49 21.80 19.12
N TRP B 124 1.70 20.73 19.34
CA TRP B 124 2.08 19.40 18.87
C TRP B 124 2.27 19.39 17.36
N ALA B 125 1.36 19.99 16.61
CA ALA B 125 1.43 19.94 15.15
C ALA B 125 2.65 20.72 14.64
N LEU B 126 2.98 21.83 15.29
CA LEU B 126 4.08 22.70 14.82
C LEU B 126 5.40 21.98 15.07
N ARG B 127 5.47 21.21 16.15
CA ARG B 127 6.70 20.45 16.48
C ARG B 127 6.89 19.34 15.46
N VAL B 128 5.79 18.77 14.97
CA VAL B 128 5.88 17.68 13.96
C VAL B 128 6.39 18.27 12.66
N HIS B 129 5.77 19.34 12.17
CA HIS B 129 6.24 19.99 10.92
C HIS B 129 7.71 20.39 11.08
N ALA B 130 8.07 20.93 12.23
CA ALA B 130 9.44 21.41 12.43
C ALA B 130 10.43 20.26 12.38
N GLY B 131 10.09 19.12 12.99
CA GLY B 131 10.95 17.95 12.90
C GLY B 131 11.04 17.42 11.47
N VAL B 132 9.93 17.43 10.75
CA VAL B 132 9.94 17.00 9.35
C VAL B 132 10.79 17.94 8.52
N GLU B 133 10.68 19.25 8.76
CA GLU B 133 11.50 20.21 8.04
C GLU B 133 12.98 20.02 8.32
N ARG B 134 13.36 19.75 9.58
CA ARG B 134 14.76 19.53 9.89
C ARG B 134 15.27 18.25 9.25
N LEU B 135 14.45 17.19 9.26
CA LEU B 135 14.81 15.96 8.59
C LEU B 135 14.97 16.17 7.09
N ILE B 136 14.00 16.86 6.47
CA ILE B 136 14.07 17.12 5.03
C ILE B 136 15.31 17.93 4.68
N ASP B 137 15.67 18.89 5.54
CA ASP B 137 16.85 19.71 5.29
C ASP B 137 18.14 18.88 5.36
N ALA B 138 18.24 17.98 6.33
CA ALA B 138 19.39 17.08 6.39
C ALA B 138 19.50 16.23 5.13
N ILE B 139 18.35 15.81 4.59
CA ILE B 139 18.34 15.01 3.37
C ILE B 139 18.86 15.84 2.19
N HIS B 140 18.47 17.12 2.13
CA HIS B 140 18.98 18.00 1.09
C HIS B 140 20.48 18.21 1.23
N ALA B 141 20.99 18.24 2.45
CA ALA B 141 22.44 18.37 2.68
C ALA B 141 23.21 17.21 2.05
N ARG B 142 22.58 16.04 1.95
CA ARG B 142 23.21 14.90 1.28
C ARG B 142 23.05 14.94 -0.23
N GLY B 143 22.28 15.88 -0.76
CA GLY B 143 22.07 15.96 -2.19
C GLY B 143 20.85 15.24 -2.70
N ILE B 144 19.85 14.99 -1.86
CA ILE B 144 18.69 14.18 -2.22
C ILE B 144 17.42 15.00 -2.02
N VAL B 145 16.50 14.88 -2.98
CA VAL B 145 15.15 15.39 -2.83
C VAL B 145 14.24 14.23 -2.50
N TYR B 146 13.31 14.44 -1.56
CA TYR B 146 12.47 13.34 -1.09
C TYR B 146 11.27 13.11 -2.02
N ASN B 147 10.71 14.19 -2.58
CA ASN B 147 9.71 14.14 -3.63
C ASN B 147 8.31 13.70 -3.20
N ASP B 148 8.21 12.81 -2.22
CA ASP B 148 6.95 12.15 -1.87
C ASP B 148 6.50 12.50 -0.45
N LEU B 149 6.76 13.73 -0.01
CA LEU B 149 6.48 14.11 1.37
C LEU B 149 5.00 14.40 1.58
N HIS B 150 4.36 13.63 2.46
CA HIS B 150 2.97 13.85 2.87
C HIS B 150 2.70 13.01 4.11
N MET B 151 1.44 13.04 4.56
CA MET B 151 1.10 12.46 5.86
C MET B 151 1.18 10.95 5.89
N PHE B 152 1.15 10.28 4.73
CA PHE B 152 1.25 8.83 4.73
C PHE B 152 2.69 8.34 4.84
N ASN B 153 3.67 9.20 4.58
CA ASN B 153 5.08 8.84 4.64
C ASN B 153 5.76 9.28 5.92
N ILE B 154 5.06 9.97 6.81
CA ILE B 154 5.64 10.55 8.01
C ILE B 154 5.31 9.67 9.20
N MET B 155 6.33 9.26 9.94
CA MET B 155 6.16 8.45 11.13
C MET B 155 6.36 9.31 12.37
N VAL B 156 5.44 9.20 13.31
CA VAL B 156 5.52 9.92 14.59
C VAL B 156 5.90 8.90 15.65
N ARG B 157 7.11 9.01 16.16
CA ARG B 157 7.63 8.07 17.13
C ARG B 157 7.07 8.36 18.52
N PRO B 158 7.15 7.39 19.44
CA PRO B 158 6.58 7.61 20.77
C PRO B 158 7.16 8.80 21.51
N ASP B 159 8.45 9.11 21.32
CA ASP B 159 9.06 10.27 21.96
C ASP B 159 8.78 11.59 21.25
N GLU B 160 7.86 11.58 20.28
CA GLU B 160 7.38 12.71 19.48
C GLU B 160 8.32 13.09 18.34
N THR B 161 9.45 12.40 18.16
CA THR B 161 10.30 12.66 17.02
C THR B 161 9.69 12.03 15.77
N VAL B 162 10.18 12.46 14.60
CA VAL B 162 9.58 12.08 13.33
C VAL B 162 10.55 11.22 12.53
N ALA B 163 10.02 10.58 11.49
CA ALA B 163 10.78 9.77 10.56
C ALA B 163 10.01 9.64 9.26
N LEU B 164 10.72 9.29 8.19
CA LEU B 164 10.10 8.98 6.91
C LEU B 164 10.32 7.51 6.59
N ILE B 165 9.39 6.90 5.86
CA ILE B 165 9.34 5.45 5.72
C ILE B 165 9.81 4.98 4.35
N ASP B 166 9.21 5.48 3.28
CA ASP B 166 9.45 4.93 1.94
C ASP B 166 10.29 5.93 1.16
N PHE B 167 11.46 5.48 0.70
CA PHE B 167 12.42 6.33 0.00
C PHE B 167 12.58 5.93 -1.45
N GLU B 168 11.60 5.21 -2.00
CA GLU B 168 11.64 4.82 -3.40
C GLU B 168 11.56 6.01 -4.33
N ALA B 169 10.83 7.05 -3.94
CA ALA B 169 10.61 8.22 -4.79
C ALA B 169 11.74 9.23 -4.72
N ALA B 170 12.69 9.07 -3.81
CA ALA B 170 13.75 10.07 -3.67
C ALA B 170 14.72 9.98 -4.85
N ALA B 171 15.41 11.09 -5.09
CA ALA B 171 16.31 11.21 -6.23
C ALA B 171 17.38 12.23 -5.90
N PRO B 172 18.51 12.21 -6.60
CA PRO B 172 19.54 13.23 -6.36
C PRO B 172 19.03 14.63 -6.66
N LEU B 173 19.49 15.58 -5.84
CA LEU B 173 19.16 16.99 -6.04
C LEU B 173 19.58 17.49 -7.41
N ALA B 174 20.69 16.98 -7.95
CA ALA B 174 21.15 17.41 -9.27
C ALA B 174 20.11 17.09 -10.34
N GLU B 175 19.63 15.85 -10.37
CA GLU B 175 18.59 15.38 -11.28
C GLU B 175 17.46 16.38 -11.41
N ARG B 176 17.36 17.06 -12.56
CA ARG B 176 16.37 18.11 -12.78
C ARG B 176 15.25 17.54 -13.63
N SER B 177 14.21 17.05 -12.98
CA SER B 177 13.06 16.45 -13.65
C SER B 177 11.82 17.30 -13.38
N ARG B 178 11.12 17.68 -14.45
CA ARG B 178 9.91 18.48 -14.28
C ARG B 178 8.79 17.65 -13.65
N GLN B 179 8.87 16.32 -13.80
CA GLN B 179 7.96 15.43 -13.09
C GLN B 179 7.93 15.77 -11.60
N THR B 180 6.72 16.03 -11.08
CA THR B 180 6.57 16.45 -9.71
C THR B 180 5.38 15.70 -9.14
N LEU B 181 5.56 15.10 -7.96
CA LEU B 181 4.57 14.19 -7.42
C LEU B 181 3.44 14.94 -6.71
N ALA B 182 2.21 14.47 -6.91
CA ALA B 182 1.04 15.12 -6.34
C ALA B 182 0.86 14.75 -4.88
N ASN B 183 0.40 15.73 -4.10
CA ASN B 183 0.05 15.78 -2.69
C ASN B 183 -1.39 15.31 -2.49
N PRO B 184 -1.68 14.60 -1.38
CA PRO B 184 -3.07 14.21 -1.12
C PRO B 184 -4.00 15.39 -0.91
N ALA B 185 -3.48 16.55 -0.51
CA ALA B 185 -4.30 17.72 -0.20
C ALA B 185 -4.45 18.69 -1.36
N PHE B 186 -3.41 18.89 -2.16
CA PHE B 186 -3.43 19.88 -3.22
C PHE B 186 -2.78 19.32 -4.47
N GLN B 187 -3.11 19.92 -5.62
CA GLN B 187 -2.52 19.51 -6.88
C GLN B 187 -1.03 19.84 -6.91
N ALA B 188 -0.28 19.01 -7.62
CA ALA B 188 1.16 19.21 -7.71
C ALA B 188 1.49 20.44 -8.55
N PRO B 189 2.48 21.22 -8.14
CA PRO B 189 2.83 22.43 -8.89
C PRO B 189 3.54 22.08 -10.19
N PRO B 190 3.47 22.95 -11.19
CA PRO B 190 4.00 22.57 -12.51
C PRO B 190 5.51 22.47 -12.58
N GLY B 191 6.19 23.61 -12.68
CA GLY B 191 7.60 23.61 -12.97
C GLY B 191 8.50 23.83 -11.78
N ARG B 192 8.42 22.94 -10.80
CA ARG B 192 9.31 22.95 -9.65
C ARG B 192 10.30 21.81 -9.78
N TYR B 193 11.54 22.05 -9.37
CA TYR B 193 12.59 21.05 -9.41
C TYR B 193 13.50 21.25 -8.22
N GLY B 194 14.32 20.24 -7.94
CA GLY B 194 15.24 20.34 -6.82
C GLY B 194 14.49 20.36 -5.50
N ALA B 195 15.01 21.13 -4.55
CA ALA B 195 14.42 21.21 -3.23
C ALA B 195 13.10 21.96 -3.22
N ASP B 196 12.70 22.58 -4.33
CA ASP B 196 11.44 23.30 -4.35
C ASP B 196 10.25 22.35 -4.27
N VAL B 197 10.42 21.11 -4.74
CA VAL B 197 9.37 20.11 -4.62
C VAL B 197 9.09 19.83 -3.14
N ASP B 198 10.16 19.61 -2.37
CA ASP B 198 9.99 19.40 -0.93
C ASP B 198 9.55 20.68 -0.23
N ARG B 199 9.97 21.84 -0.76
CA ARG B 199 9.48 23.11 -0.24
C ARG B 199 7.97 23.23 -0.40
N TYR B 200 7.44 22.76 -1.55
CA TYR B 200 6.01 22.82 -1.78
C TYR B 200 5.25 21.86 -0.88
N SER B 201 5.75 20.63 -0.72
CA SER B 201 5.07 19.65 0.12
C SER B 201 5.01 20.09 1.57
N LEU B 202 6.09 20.69 2.08
CA LEU B 202 6.09 21.14 3.47
C LEU B 202 5.05 22.24 3.69
N ALA B 203 4.89 23.14 2.72
CA ALA B 203 3.87 24.17 2.82
C ALA B 203 2.48 23.56 2.92
N CYS B 204 2.18 22.57 2.07
CA CYS B 204 0.88 21.90 2.14
C CYS B 204 0.67 21.21 3.47
N LEU B 205 1.75 20.65 4.03
CA LEU B 205 1.64 19.97 5.33
C LEU B 205 1.29 20.95 6.45
N ARG B 206 1.74 22.21 6.33
CA ARG B 206 1.42 23.20 7.35
C ARG B 206 -0.08 23.49 7.40
N LEU B 207 -0.74 23.56 6.25
CA LEU B 207 -2.20 23.69 6.24
C LEU B 207 -2.85 22.39 6.64
N ALA B 208 -2.35 21.26 6.10
CA ALA B 208 -3.03 19.98 6.27
C ALA B 208 -3.07 19.54 7.73
N LEU B 209 -2.08 19.93 8.53
CA LEU B 209 -2.05 19.52 9.93
C LEU B 209 -3.20 20.11 10.73
N PHE B 210 -3.92 21.10 10.19
CA PHE B 210 -5.03 21.71 10.89
C PHE B 210 -6.36 21.57 10.17
N LEU B 211 -6.38 21.08 8.96
CA LEU B 211 -7.67 21.00 8.31
C LEU B 211 -8.34 19.66 8.57
N PRO B 212 -9.66 19.64 8.64
CA PRO B 212 -10.38 18.36 8.72
C PRO B 212 -10.20 17.57 7.43
N LEU B 213 -10.23 16.24 7.56
CA LEU B 213 -9.99 15.38 6.42
C LEU B 213 -10.92 15.71 5.27
N THR B 214 -12.20 15.93 5.56
CA THR B 214 -13.17 16.26 4.52
C THR B 214 -12.82 17.56 3.83
N THR B 215 -12.50 18.59 4.61
CA THR B 215 -12.07 19.86 4.03
C THR B 215 -10.76 19.69 3.25
N LEU B 216 -9.86 18.85 3.76
CA LEU B 216 -8.58 18.66 3.10
C LEU B 216 -8.75 18.18 1.66
N LEU B 217 -9.66 17.23 1.44
CA LEU B 217 -9.83 16.66 0.10
C LEU B 217 -10.60 17.58 -0.84
N VAL B 218 -11.61 18.28 -0.34
CA VAL B 218 -12.51 19.03 -1.21
C VAL B 218 -11.88 20.33 -1.71
N GLN B 219 -11.15 21.02 -0.84
CA GLN B 219 -10.70 22.37 -1.16
C GLN B 219 -9.52 22.36 -2.11
N ASP B 220 -9.55 23.25 -3.09
CA ASP B 220 -8.57 23.32 -4.14
C ASP B 220 -7.43 24.27 -3.76
N ARG B 221 -6.38 24.26 -4.58
CA ARG B 221 -5.16 25.00 -4.27
C ARG B 221 -5.35 26.50 -4.37
N HIS B 222 -6.35 26.96 -5.12
CA HIS B 222 -6.64 28.39 -5.21
C HIS B 222 -7.15 28.97 -3.90
N LYS B 223 -7.80 28.15 -3.08
CA LYS B 223 -8.40 28.62 -1.83
C LYS B 223 -7.43 28.57 -0.66
N ALA B 224 -6.13 28.48 -0.93
CA ALA B 224 -5.15 28.35 0.14
C ALA B 224 -5.17 29.55 1.09
N TRP B 225 -5.22 30.76 0.54
CA TRP B 225 -5.23 31.95 1.38
C TRP B 225 -6.44 31.97 2.29
N GLU B 226 -7.62 31.65 1.75
CA GLU B 226 -8.82 31.57 2.58
C GLU B 226 -8.67 30.51 3.65
N LEU B 227 -8.07 29.37 3.29
CA LEU B 227 -7.88 28.30 4.27
C LEU B 227 -6.95 28.73 5.39
N ALA B 228 -5.85 29.40 5.05
CA ALA B 228 -4.93 29.89 6.08
C ALA B 228 -5.64 30.84 7.04
N GLU B 229 -6.47 31.75 6.52
CA GLU B 229 -7.20 32.67 7.38
C GLU B 229 -8.16 31.93 8.29
N ALA B 230 -8.83 30.90 7.78
CA ALA B 230 -9.76 30.13 8.59
C ALA B 230 -9.04 29.39 9.71
N ILE B 231 -7.86 28.84 9.42
CA ILE B 231 -7.07 28.17 10.45
C ILE B 231 -6.65 29.15 11.54
N ALA B 232 -6.21 30.35 11.15
CA ALA B 232 -5.70 31.31 12.12
C ALA B 232 -6.79 31.77 13.09
N GLU B 233 -8.06 31.70 12.69
CA GLU B 233 -9.16 32.07 13.56
C GLU B 233 -9.51 30.98 14.56
N HIS B 234 -9.19 29.71 14.26
CA HIS B 234 -9.53 28.60 15.14
C HIS B 234 -8.35 28.10 15.97
N PHE B 235 -7.12 28.35 15.53
CA PHE B 235 -5.95 27.80 16.21
C PHE B 235 -4.98 28.92 16.55
N PRO B 236 -4.35 28.86 17.73
CA PRO B 236 -3.38 29.89 18.15
C PRO B 236 -2.01 29.75 17.48
N VAL B 237 -2.01 29.73 16.15
CA VAL B 237 -0.80 29.68 15.35
C VAL B 237 -0.30 31.10 15.13
N PRO B 238 1.00 31.37 15.23
CA PRO B 238 1.50 32.65 14.73
C PRO B 238 1.06 32.83 13.28
N ARG B 239 0.42 33.97 13.02
CA ARG B 239 -0.35 34.11 11.78
C ARG B 239 0.53 34.11 10.54
N GLY B 240 1.75 34.63 10.64
CA GLY B 240 2.66 34.62 9.50
C GLY B 240 3.04 33.22 9.06
N PHE B 241 3.12 32.29 10.01
CA PHE B 241 3.41 30.89 9.70
C PHE B 241 2.45 30.33 8.65
N LEU B 242 1.15 30.56 8.85
CA LEU B 242 0.16 30.04 7.92
C LEU B 242 0.16 30.81 6.60
N ARG B 243 0.41 32.12 6.66
CA ARG B 243 0.40 32.93 5.45
C ARG B 243 1.57 32.58 4.53
N GLU B 244 2.73 32.26 5.10
CA GLU B 244 3.87 31.88 4.27
C GLU B 244 3.58 30.60 3.51
N ALA B 245 2.85 29.66 4.12
CA ALA B 245 2.47 28.44 3.44
C ALA B 245 1.53 28.74 2.28
N ALA B 246 0.51 29.56 2.52
CA ALA B 246 -0.42 29.93 1.46
C ALA B 246 0.32 30.67 0.33
N ARG B 247 1.33 31.47 0.67
CA ARG B 247 2.12 32.13 -0.36
C ARG B 247 2.92 31.10 -1.16
N GLU B 248 3.55 30.15 -0.48
CA GLU B 248 4.34 29.13 -1.17
C GLU B 248 3.46 28.25 -2.04
N ILE B 249 2.21 28.02 -1.63
CA ILE B 249 1.32 27.14 -2.39
C ILE B 249 0.83 27.83 -3.65
N THR B 250 0.72 29.15 -3.63
CA THR B 250 0.15 29.92 -4.73
C THR B 250 1.19 30.74 -5.49
N ARG B 251 2.47 30.39 -5.36
CA ARG B 251 3.54 31.19 -5.96
C ARG B 251 3.48 31.21 -7.49
N ASP B 252 2.81 30.23 -8.10
CA ASP B 252 2.72 30.17 -9.57
C ASP B 252 1.28 30.24 -10.07
N LEU B 253 0.33 30.58 -9.22
CA LEU B 253 -1.08 30.59 -9.61
C LEU B 253 -1.62 32.01 -9.80
MG MG C . 9.50 -18.93 -7.67
MG MG D . 8.94 -18.27 -2.53
MG MG E . -15.93 3.05 6.07
MG MG F . -19.41 -3.79 -8.36
MG MG G . -5.61 21.45 -5.62
MG MG H . -7.96 19.20 -2.29
#